data_1YMT
#
_entry.id   1YMT
#
_cell.length_a   73.853
_cell.length_b   73.853
_cell.length_c   117.014
_cell.angle_alpha   90.00
_cell.angle_beta   90.00
_cell.angle_gamma   90.00
#
_symmetry.space_group_name_H-M   'P 41 21 2'
#
loop_
_entity.id
_entity.type
_entity.pdbx_description
1 polymer 'Steroidogenic factor 1'
2 polymer 'Nuclear receptor 0B2'
3 non-polymer '1-CIS-9-OCTADECANOYL-2-CIS-9-HEXADECANOYL PHOSPHATIDYL GLYCEROL'
4 water water
#
loop_
_entity_poly.entity_id
_entity_poly.type
_entity_poly.pdbx_seq_one_letter_code
_entity_poly.pdbx_strand_id
1 'polypeptide(L)'
;GSSGGPNVPELILQLLQLEPEEDQVRARIVGCLQEPAKSRSDQPAPFSLLCRMADQTFISIVDWARRCMVFKELEVADQM
TLLQNSWSELLVLDHIYRQVQYGKEDSILLVTGQEVELSTVAVQAGSLLHSLVLRAQELVLQLHALQLDRQEFVCLKFLI
LFSLDVKFLNNHSLVKDAQEKANAALLDYTLSHYPHSGDKFQQLLLSLVEVRALSMQAKEYLYHKHLGNEMPRNNLLIEM
LQAKQT
;
A
2 'polypeptide(L)' RPTILYALLSPSPR B
#
# COMPACT_ATOMS: atom_id res chain seq x y z
N GLY A 1 25.94 1.83 0.98
CA GLY A 1 25.00 0.69 1.11
C GLY A 1 24.67 0.15 -0.26
N SER A 2 24.04 -1.01 -0.32
CA SER A 2 23.71 -1.59 -1.60
C SER A 2 22.59 -2.57 -1.35
N SER A 3 21.69 -2.69 -2.32
CA SER A 3 20.53 -3.57 -2.23
C SER A 3 20.78 -5.01 -2.67
N GLY A 4 20.05 -5.94 -2.06
CA GLY A 4 20.13 -7.35 -2.42
C GLY A 4 21.47 -8.04 -2.29
N GLY A 5 21.84 -8.85 -3.27
CA GLY A 5 23.12 -9.52 -3.14
C GLY A 5 23.11 -10.59 -2.07
N PRO A 6 24.26 -10.81 -1.42
CA PRO A 6 24.17 -11.87 -0.41
C PRO A 6 23.64 -11.39 0.93
N ASN A 7 23.33 -12.36 1.78
CA ASN A 7 22.88 -12.07 3.12
C ASN A 7 21.50 -11.38 3.21
N VAL A 8 20.54 -11.84 2.43
CA VAL A 8 19.16 -11.27 2.48
C VAL A 8 18.30 -12.23 3.28
N PRO A 9 17.53 -11.78 4.27
CA PRO A 9 16.69 -12.68 5.06
C PRO A 9 15.76 -13.47 4.15
N GLU A 10 15.53 -14.72 4.57
CA GLU A 10 14.65 -15.62 3.82
C GLU A 10 13.28 -14.99 3.54
N LEU A 11 12.66 -14.36 4.53
CA LEU A 11 11.32 -13.79 4.31
C LEU A 11 11.34 -12.81 3.16
N ILE A 12 12.36 -11.96 3.10
CA ILE A 12 12.45 -10.99 2.02
C ILE A 12 12.65 -11.64 0.65
N LEU A 13 13.53 -12.65 0.60
CA LEU A 13 13.70 -13.38 -0.68
C LEU A 13 12.38 -14.00 -1.13
N GLN A 14 11.61 -14.53 -0.18
CA GLN A 14 10.32 -15.12 -0.53
C GLN A 14 9.37 -14.06 -1.02
N LEU A 15 9.31 -12.91 -0.32
CA LEU A 15 8.40 -11.85 -0.74
C LEU A 15 8.77 -11.31 -2.11
N LEU A 16 10.04 -11.23 -2.44
CA LEU A 16 10.41 -10.73 -3.76
C LEU A 16 9.87 -11.67 -4.85
N GLN A 17 9.79 -12.96 -4.54
CA GLN A 17 9.26 -13.93 -5.51
C GLN A 17 7.81 -13.76 -5.74
N LEU A 18 7.10 -13.08 -4.86
CA LEU A 18 5.66 -12.86 -4.99
C LEU A 18 5.28 -11.46 -5.45
N GLU A 19 6.25 -10.57 -5.64
CA GLU A 19 5.98 -9.18 -6.03
C GLU A 19 6.12 -8.97 -7.54
N PRO A 20 5.00 -8.72 -8.23
CA PRO A 20 5.04 -8.49 -9.67
C PRO A 20 5.77 -7.19 -9.99
N GLU A 21 6.39 -7.13 -11.17
CA GLU A 21 7.08 -5.92 -11.60
C GLU A 21 5.97 -4.88 -11.89
N GLU A 22 6.28 -3.60 -11.72
CA GLU A 22 5.31 -2.55 -11.98
C GLU A 22 4.67 -2.68 -13.41
N ASP A 23 5.51 -2.98 -14.41
CA ASP A 23 5.01 -3.12 -15.79
C ASP A 23 3.88 -4.13 -15.94
N GLN A 24 3.95 -5.23 -15.18
N GLN A 24 3.96 -5.21 -15.17
CA GLN A 24 2.91 -6.26 -15.22
CA GLN A 24 2.94 -6.26 -15.19
C GLN A 24 1.59 -5.85 -14.51
C GLN A 24 1.61 -5.86 -14.52
N VAL A 25 1.68 -5.08 -13.44
CA VAL A 25 0.44 -4.67 -12.78
C VAL A 25 -0.27 -3.64 -13.69
N ARG A 26 0.54 -2.76 -14.28
N ARG A 26 0.54 -2.76 -14.28
CA ARG A 26 0.05 -1.72 -15.19
CA ARG A 26 0.01 -1.73 -15.18
C ARG A 26 -0.80 -2.36 -16.29
C ARG A 26 -0.80 -2.37 -16.29
N ALA A 27 -0.21 -3.35 -16.96
CA ALA A 27 -0.90 -4.02 -18.05
C ALA A 27 -2.21 -4.64 -17.57
N ARG A 28 -2.14 -5.29 -16.42
CA ARG A 28 -3.35 -5.90 -15.88
C ARG A 28 -4.48 -4.88 -15.59
N ILE A 29 -4.15 -3.76 -14.94
CA ILE A 29 -5.18 -2.79 -14.62
C ILE A 29 -5.71 -2.01 -15.80
N VAL A 30 -4.81 -1.64 -16.71
CA VAL A 30 -5.23 -0.95 -17.93
C VAL A 30 -6.22 -1.89 -18.66
N GLY A 31 -5.93 -3.19 -18.63
CA GLY A 31 -6.81 -4.16 -19.27
C GLY A 31 -8.16 -4.21 -18.56
N CYS A 32 -8.15 -4.31 -17.23
CA CYS A 32 -9.41 -4.38 -16.47
C CYS A 32 -10.24 -3.09 -16.63
N LEU A 33 -9.60 -1.96 -16.92
CA LEU A 33 -10.34 -0.69 -17.05
C LEU A 33 -11.04 -0.32 -18.37
N GLN A 34 -10.41 -0.65 -19.49
CA GLN A 34 -10.99 -0.32 -20.80
C GLN A 34 -11.92 -1.43 -21.24
N GLN A 43 -7.51 17.71 -20.28
CA GLN A 43 -8.90 17.87 -19.86
C GLN A 43 -9.03 17.61 -18.35
N PRO A 44 -10.27 17.71 -17.84
CA PRO A 44 -10.50 17.46 -16.42
C PRO A 44 -10.12 16.01 -16.12
N ALA A 45 -9.71 15.75 -14.89
CA ALA A 45 -9.37 14.39 -14.49
C ALA A 45 -10.68 13.58 -14.47
N PRO A 46 -10.67 12.36 -15.02
CA PRO A 46 -11.88 11.51 -15.06
C PRO A 46 -12.06 10.83 -13.69
N PHE A 47 -12.78 11.48 -12.79
CA PHE A 47 -13.00 11.02 -11.41
C PHE A 47 -13.45 9.56 -11.22
N SER A 48 -14.53 9.15 -11.89
N SER A 48 -14.52 9.16 -11.92
CA SER A 48 -14.99 7.78 -11.74
CA SER A 48 -15.00 7.79 -11.79
C SER A 48 -13.96 6.79 -12.30
C SER A 48 -13.97 6.79 -12.31
N LEU A 49 -13.25 7.15 -13.36
CA LEU A 49 -12.24 6.23 -13.88
C LEU A 49 -11.10 6.08 -12.86
N LEU A 50 -10.75 7.17 -12.17
CA LEU A 50 -9.68 7.10 -11.19
C LEU A 50 -10.14 6.29 -9.98
N CYS A 51 -11.41 6.36 -9.64
CA CYS A 51 -11.94 5.54 -8.55
C CYS A 51 -11.87 4.09 -8.97
N ARG A 52 -12.20 3.76 -10.22
CA ARG A 52 -12.13 2.38 -10.64
C ARG A 52 -10.68 1.91 -10.65
N MET A 53 -9.76 2.79 -11.03
CA MET A 53 -8.34 2.48 -11.02
C MET A 53 -7.84 2.15 -9.61
N ALA A 54 -8.28 2.92 -8.63
CA ALA A 54 -7.87 2.64 -7.23
C ALA A 54 -8.47 1.31 -6.73
N ASP A 55 -9.74 1.04 -7.10
CA ASP A 55 -10.36 -0.25 -6.75
C ASP A 55 -9.57 -1.41 -7.36
N GLN A 56 -9.17 -1.27 -8.62
CA GLN A 56 -8.43 -2.34 -9.28
C GLN A 56 -7.07 -2.52 -8.66
N THR A 57 -6.48 -1.42 -8.19
CA THR A 57 -5.18 -1.53 -7.52
C THR A 57 -5.36 -2.32 -6.21
N PHE A 58 -6.43 -2.05 -5.47
CA PHE A 58 -6.66 -2.83 -4.26
C PHE A 58 -6.91 -4.30 -4.60
N ILE A 59 -7.66 -4.59 -5.68
CA ILE A 59 -7.87 -5.99 -6.07
C ILE A 59 -6.50 -6.67 -6.31
N SER A 60 -5.59 -5.96 -6.96
N SER A 60 -5.58 -5.97 -6.95
N SER A 60 -5.57 -5.98 -6.96
CA SER A 60 -4.25 -6.49 -7.20
CA SER A 60 -4.25 -6.55 -7.18
CA SER A 60 -4.26 -6.58 -7.18
C SER A 60 -3.52 -6.77 -5.88
C SER A 60 -3.53 -6.79 -5.85
C SER A 60 -3.52 -6.80 -5.86
N ILE A 61 -3.71 -5.89 -4.89
CA ILE A 61 -3.10 -6.08 -3.57
C ILE A 61 -3.71 -7.28 -2.85
N VAL A 62 -5.03 -7.46 -2.98
CA VAL A 62 -5.66 -8.63 -2.36
C VAL A 62 -5.12 -9.92 -3.02
N ASP A 63 -4.90 -9.89 -4.33
N ASP A 63 -4.92 -9.92 -4.33
CA ASP A 63 -4.34 -11.08 -5.02
CA ASP A 63 -4.36 -11.13 -4.97
C ASP A 63 -2.96 -11.38 -4.48
C ASP A 63 -2.94 -11.39 -4.53
N TRP A 64 -2.14 -10.35 -4.27
CA TRP A 64 -0.80 -10.53 -3.70
C TRP A 64 -0.94 -11.14 -2.28
N ALA A 65 -1.83 -10.60 -1.45
CA ALA A 65 -1.95 -11.09 -0.09
C ALA A 65 -2.33 -12.56 -0.06
N ARG A 66 -3.27 -12.92 -0.94
N ARG A 66 -3.29 -12.93 -0.91
CA ARG A 66 -3.74 -14.30 -1.07
CA ARG A 66 -3.74 -14.32 -0.99
C ARG A 66 -2.61 -15.30 -1.28
C ARG A 66 -2.62 -15.30 -1.29
N ARG A 67 -1.58 -14.88 -2.00
CA ARG A 67 -0.45 -15.77 -2.28
C ARG A 67 0.66 -15.77 -1.23
N CYS A 68 0.64 -14.81 -0.30
N CYS A 68 0.64 -14.81 -0.30
CA CYS A 68 1.73 -14.71 0.68
CA CYS A 68 1.73 -14.71 0.68
C CYS A 68 1.79 -15.80 1.67
C CYS A 68 1.79 -15.80 1.67
N MET A 69 3.01 -16.06 2.10
N MET A 69 3.01 -16.06 2.10
N MET A 69 3.01 -16.06 2.10
CA MET A 69 3.25 -17.00 3.15
CA MET A 69 3.25 -17.00 3.15
CA MET A 69 3.28 -16.95 3.15
C MET A 69 2.46 -16.48 4.36
C MET A 69 2.46 -16.48 4.36
C MET A 69 2.46 -16.48 4.36
N VAL A 70 2.06 -17.42 5.19
CA VAL A 70 1.26 -17.18 6.40
C VAL A 70 -0.17 -16.77 6.03
N PHE A 71 -0.36 -15.68 5.31
CA PHE A 71 -1.70 -15.22 4.98
C PHE A 71 -2.49 -16.35 4.29
N LYS A 72 -1.83 -17.07 3.37
CA LYS A 72 -2.48 -18.14 2.60
C LYS A 72 -2.90 -19.31 3.49
N GLU A 73 -2.38 -19.40 4.71
CA GLU A 73 -2.79 -20.48 5.64
C GLU A 73 -3.92 -20.08 6.58
N LEU A 74 -4.33 -18.81 6.56
CA LEU A 74 -5.39 -18.35 7.44
C LEU A 74 -6.77 -18.58 6.88
N GLU A 75 -7.73 -18.77 7.78
CA GLU A 75 -9.12 -18.88 7.36
C GLU A 75 -9.59 -17.51 6.85
N VAL A 76 -10.66 -17.51 6.08
N VAL A 76 -10.65 -17.50 6.08
CA VAL A 76 -11.17 -16.30 5.49
CA VAL A 76 -11.14 -16.28 5.50
C VAL A 76 -11.51 -15.20 6.47
C VAL A 76 -11.51 -15.20 6.47
N ALA A 77 -12.03 -15.54 7.66
CA ALA A 77 -12.40 -14.51 8.61
C ALA A 77 -11.14 -13.74 9.04
N ASP A 78 -10.05 -14.46 9.31
CA ASP A 78 -8.81 -13.79 9.69
C ASP A 78 -8.25 -12.98 8.50
N GLN A 79 -8.33 -13.52 7.29
CA GLN A 79 -7.84 -12.79 6.13
C GLN A 79 -8.61 -11.48 5.97
N MET A 80 -9.94 -11.51 6.12
N MET A 80 -9.93 -11.52 6.14
CA MET A 80 -10.73 -10.31 5.97
CA MET A 80 -10.72 -10.33 5.98
C MET A 80 -10.38 -9.29 7.03
C MET A 80 -10.39 -9.29 7.03
N THR A 81 -10.25 -9.72 8.28
CA THR A 81 -9.92 -8.77 9.33
C THR A 81 -8.57 -8.09 9.06
N LEU A 82 -7.59 -8.87 8.63
CA LEU A 82 -6.28 -8.28 8.33
C LEU A 82 -6.39 -7.24 7.22
N LEU A 83 -7.12 -7.56 6.15
CA LEU A 83 -7.23 -6.60 5.04
C LEU A 83 -8.07 -5.41 5.43
N GLN A 84 -9.08 -5.60 6.29
CA GLN A 84 -9.90 -4.49 6.75
C GLN A 84 -9.08 -3.51 7.57
N ASN A 85 -8.01 -3.95 8.19
CA ASN A 85 -7.16 -3.08 8.98
C ASN A 85 -6.02 -2.48 8.21
N SER A 86 -5.74 -2.95 6.99
CA SER A 86 -4.54 -2.51 6.26
C SER A 86 -4.75 -1.99 4.87
N TRP A 87 -5.97 -2.05 4.34
CA TRP A 87 -6.20 -1.70 2.95
C TRP A 87 -5.72 -0.31 2.57
N SER A 88 -6.01 0.67 3.41
CA SER A 88 -5.66 2.03 3.02
C SER A 88 -4.16 2.26 3.11
N GLU A 89 -3.55 1.69 4.11
CA GLU A 89 -2.06 1.81 4.23
C GLU A 89 -1.34 1.10 3.12
N LEU A 90 -1.86 -0.05 2.68
CA LEU A 90 -1.23 -0.76 1.54
C LEU A 90 -1.38 0.07 0.26
N LEU A 91 -2.55 0.67 0.05
CA LEU A 91 -2.72 1.51 -1.12
C LEU A 91 -1.82 2.73 -1.09
N VAL A 92 -1.68 3.36 0.08
CA VAL A 92 -0.81 4.54 0.20
C VAL A 92 0.64 4.11 -0.03
N LEU A 93 1.08 3.03 0.59
CA LEU A 93 2.47 2.60 0.39
C LEU A 93 2.73 2.27 -1.08
N ASP A 94 1.77 1.63 -1.75
CA ASP A 94 1.93 1.32 -3.17
C ASP A 94 2.11 2.61 -3.98
N HIS A 95 1.32 3.64 -3.72
CA HIS A 95 1.42 4.89 -4.43
C HIS A 95 2.78 5.56 -4.13
N ILE A 96 3.16 5.58 -2.87
CA ILE A 96 4.40 6.22 -2.42
C ILE A 96 5.61 5.53 -3.11
N TYR A 97 5.67 4.21 -3.09
CA TYR A 97 6.83 3.51 -3.69
C TYR A 97 6.87 3.74 -5.18
N ARG A 98 5.70 3.74 -5.83
CA ARG A 98 5.68 4.03 -7.27
C ARG A 98 6.35 5.41 -7.49
N GLN A 99 6.06 6.40 -6.64
CA GLN A 99 6.70 7.73 -6.81
C GLN A 99 8.19 7.69 -6.53
N VAL A 100 8.61 6.90 -5.56
CA VAL A 100 10.04 6.81 -5.24
C VAL A 100 10.78 6.27 -6.47
N GLN A 101 10.24 5.27 -7.13
N GLN A 101 10.24 5.27 -7.13
CA GLN A 101 10.86 4.68 -8.30
CA GLN A 101 10.86 4.68 -8.30
C GLN A 101 10.81 5.63 -9.55
C GLN A 101 10.81 5.63 -9.55
N TYR A 102 9.73 6.38 -9.65
CA TYR A 102 9.49 7.34 -10.75
C TYR A 102 10.48 8.48 -10.71
N GLY A 103 10.74 9.02 -9.55
CA GLY A 103 11.78 10.04 -9.43
C GLY A 103 11.59 11.37 -10.12
N LYS A 104 10.37 11.92 -10.11
CA LYS A 104 10.13 13.23 -10.72
C LYS A 104 9.38 14.07 -9.68
N GLU A 105 9.86 15.27 -9.37
CA GLU A 105 9.20 16.08 -8.37
C GLU A 105 8.05 16.92 -8.86
N ASP A 106 7.90 17.08 -10.16
N ASP A 106 7.90 17.07 -10.17
CA ASP A 106 6.83 17.94 -10.65
CA ASP A 106 6.83 17.92 -10.65
C ASP A 106 5.61 17.19 -11.16
C ASP A 106 5.60 17.19 -11.15
N SER A 107 5.63 15.86 -11.02
N SER A 107 5.62 15.86 -11.05
CA SER A 107 4.51 15.06 -11.48
CA SER A 107 4.47 15.07 -11.49
C SER A 107 4.37 13.82 -10.64
C SER A 107 4.36 13.82 -10.65
N ILE A 108 3.21 13.17 -10.76
CA ILE A 108 3.01 11.89 -10.08
C ILE A 108 2.66 10.86 -11.15
N LEU A 109 3.11 9.63 -10.92
CA LEU A 109 2.87 8.53 -11.83
C LEU A 109 1.71 7.66 -11.29
N LEU A 110 0.71 7.35 -12.11
CA LEU A 110 -0.39 6.47 -11.72
C LEU A 110 -0.07 5.06 -12.17
N VAL A 111 -0.73 4.08 -11.56
CA VAL A 111 -0.48 2.67 -11.89
C VAL A 111 -0.74 2.31 -13.34
N THR A 112 -1.55 3.12 -14.01
CA THR A 112 -1.86 2.93 -15.43
C THR A 112 -0.74 3.44 -16.32
N GLY A 113 0.24 4.13 -15.74
CA GLY A 113 1.27 4.73 -16.57
C GLY A 113 1.00 6.23 -16.84
N GLN A 114 -0.20 6.70 -16.52
CA GLN A 114 -0.51 8.10 -16.73
C GLN A 114 0.34 8.98 -15.83
N GLU A 115 0.84 10.10 -16.34
CA GLU A 115 1.62 11.05 -15.58
C GLU A 115 0.74 12.26 -15.35
N VAL A 116 0.68 12.74 -14.11
CA VAL A 116 -0.15 13.88 -13.78
C VAL A 116 0.73 14.97 -13.22
N GLU A 117 0.75 16.11 -13.90
N GLU A 117 0.79 16.11 -13.91
CA GLU A 117 1.53 17.23 -13.43
CA GLU A 117 1.62 17.20 -13.40
C GLU A 117 0.96 17.75 -12.11
C GLU A 117 0.99 17.72 -12.13
N LEU A 118 1.83 18.07 -11.16
CA LEU A 118 1.34 18.61 -9.90
C LEU A 118 0.64 19.93 -10.13
N SER A 119 1.02 20.67 -11.18
CA SER A 119 0.32 21.93 -11.46
C SER A 119 -1.14 21.66 -11.78
N THR A 120 -1.42 20.53 -12.40
N THR A 120 -1.46 20.52 -12.38
CA THR A 120 -2.79 20.14 -12.74
CA THR A 120 -2.85 20.21 -12.70
C THR A 120 -3.61 19.84 -11.46
C THR A 120 -3.63 19.90 -11.42
N VAL A 121 -2.96 19.27 -10.45
CA VAL A 121 -3.62 18.97 -9.18
C VAL A 121 -3.98 20.32 -8.51
N ALA A 122 -3.06 21.29 -8.57
CA ALA A 122 -3.38 22.59 -7.97
C ALA A 122 -4.59 23.29 -8.63
N VAL A 123 -4.77 23.08 -9.92
CA VAL A 123 -5.91 23.66 -10.65
C VAL A 123 -7.20 22.91 -10.35
N GLN A 124 -7.14 21.58 -10.34
CA GLN A 124 -8.38 20.78 -10.26
C GLN A 124 -8.83 20.29 -8.90
N ALA A 125 -7.89 20.05 -7.99
CA ALA A 125 -8.26 19.48 -6.69
C ALA A 125 -8.74 20.48 -5.70
N GLY A 126 -9.63 20.01 -4.83
CA GLY A 126 -10.05 20.84 -3.73
C GLY A 126 -8.94 20.80 -2.68
N SER A 127 -9.13 21.50 -1.57
N SER A 127 -9.13 21.51 -1.57
CA SER A 127 -8.14 21.55 -0.51
CA SER A 127 -8.12 21.58 -0.52
C SER A 127 -7.77 20.22 0.14
C SER A 127 -7.77 20.23 0.14
N LEU A 128 -8.73 19.37 0.43
CA LEU A 128 -8.42 18.09 1.10
C LEU A 128 -7.46 17.29 0.19
N LEU A 129 -7.84 17.10 -1.05
CA LEU A 129 -7.01 16.30 -1.93
C LEU A 129 -5.68 16.93 -2.27
N HIS A 130 -5.66 18.23 -2.52
CA HIS A 130 -4.42 18.87 -2.87
C HIS A 130 -3.41 18.69 -1.72
N SER A 131 -3.86 18.97 -0.51
N SER A 131 -3.87 18.95 -0.50
N SER A 131 -3.86 18.97 -0.50
CA SER A 131 -2.98 18.88 0.65
CA SER A 131 -3.03 18.83 0.70
CA SER A 131 -3.02 18.85 0.69
C SER A 131 -2.48 17.43 0.84
C SER A 131 -2.47 17.42 0.83
C SER A 131 -2.48 17.43 0.84
N LEU A 132 -3.33 16.44 0.62
CA LEU A 132 -2.96 15.07 0.75
C LEU A 132 -1.91 14.67 -0.28
N VAL A 133 -2.08 15.07 -1.56
CA VAL A 133 -1.11 14.74 -2.57
C VAL A 133 0.25 15.33 -2.24
N LEU A 134 0.26 16.58 -1.79
CA LEU A 134 1.53 17.22 -1.49
C LEU A 134 2.19 16.61 -0.27
N ARG A 135 1.41 16.23 0.74
CA ARG A 135 1.98 15.62 1.96
C ARG A 135 2.59 14.27 1.57
N ALA A 136 1.94 13.53 0.70
CA ALA A 136 2.49 12.27 0.24
C ALA A 136 3.81 12.50 -0.49
N GLN A 137 3.91 13.55 -1.32
CA GLN A 137 5.17 13.82 -2.01
C GLN A 137 6.32 14.13 -1.05
N GLU A 138 6.01 14.69 0.10
CA GLU A 138 7.08 14.94 1.07
C GLU A 138 7.62 13.62 1.62
N LEU A 139 6.75 12.63 1.84
CA LEU A 139 7.21 11.31 2.28
C LEU A 139 8.03 10.65 1.17
N VAL A 140 7.63 10.80 -0.09
CA VAL A 140 8.40 10.27 -1.21
C VAL A 140 9.84 10.82 -1.16
N LEU A 141 9.95 12.12 -0.94
CA LEU A 141 11.29 12.77 -0.84
C LEU A 141 12.10 12.15 0.30
N GLN A 142 11.46 11.95 1.44
CA GLN A 142 12.17 11.37 2.61
C GLN A 142 12.63 9.96 2.31
N LEU A 143 11.79 9.14 1.67
CA LEU A 143 12.18 7.77 1.40
C LEU A 143 13.24 7.69 0.33
N HIS A 144 13.21 8.57 -0.67
CA HIS A 144 14.29 8.59 -1.64
C HIS A 144 15.63 8.96 -0.93
N ALA A 145 15.57 9.93 -0.01
CA ALA A 145 16.81 10.36 0.68
C ALA A 145 17.35 9.21 1.53
N LEU A 146 16.47 8.38 2.07
CA LEU A 146 16.85 7.26 2.93
C LEU A 146 17.27 6.06 2.08
N GLN A 147 17.14 6.13 0.78
CA GLN A 147 17.46 5.03 -0.12
C GLN A 147 16.64 3.77 0.09
N LEU A 148 15.33 3.96 0.19
CA LEU A 148 14.41 2.82 0.30
C LEU A 148 14.59 1.95 -0.94
N ASP A 149 14.75 0.66 -0.74
CA ASP A 149 14.92 -0.26 -1.85
C ASP A 149 13.78 -1.29 -1.90
N ARG A 150 13.79 -2.16 -2.92
CA ARG A 150 12.68 -3.06 -3.15
C ARG A 150 12.55 -4.10 -2.06
N GLN A 151 13.68 -4.55 -1.53
CA GLN A 151 13.70 -5.53 -0.45
C GLN A 151 12.93 -4.94 0.75
N GLU A 152 13.25 -3.68 1.09
CA GLU A 152 12.59 -3.01 2.21
C GLU A 152 11.12 -2.79 1.91
N PHE A 153 10.81 -2.35 0.70
CA PHE A 153 9.42 -2.15 0.31
C PHE A 153 8.56 -3.40 0.51
N VAL A 154 9.02 -4.56 0.01
CA VAL A 154 8.15 -5.72 0.17
C VAL A 154 8.01 -6.15 1.60
N CYS A 155 9.08 -5.97 2.40
CA CYS A 155 8.97 -6.30 3.81
C CYS A 155 8.01 -5.36 4.52
N LEU A 156 8.05 -4.07 4.13
CA LEU A 156 7.12 -3.09 4.72
C LEU A 156 5.68 -3.43 4.34
N LYS A 157 5.42 -3.87 3.10
CA LYS A 157 4.06 -4.27 2.72
C LYS A 157 3.61 -5.40 3.62
N PHE A 158 4.46 -6.43 3.84
CA PHE A 158 4.08 -7.54 4.66
C PHE A 158 3.86 -7.09 6.10
N LEU A 159 4.75 -6.25 6.61
N LEU A 159 4.75 -6.25 6.61
CA LEU A 159 4.59 -5.74 7.96
CA LEU A 159 4.59 -5.74 7.96
C LEU A 159 3.24 -5.05 8.12
C LEU A 159 3.24 -5.05 8.12
N ILE A 160 2.84 -4.21 7.16
N ILE A 160 2.84 -4.21 7.16
CA ILE A 160 1.55 -3.54 7.25
CA ILE A 160 1.55 -3.54 7.25
C ILE A 160 0.41 -4.55 7.21
C ILE A 160 0.41 -4.55 7.21
N LEU A 161 0.43 -5.46 6.23
CA LEU A 161 -0.61 -6.48 6.12
C LEU A 161 -0.80 -7.16 7.46
N PHE A 162 0.29 -7.46 8.14
CA PHE A 162 0.23 -8.14 9.42
C PHE A 162 0.35 -7.22 10.65
N SER A 163 -0.02 -5.96 10.50
CA SER A 163 0.13 -4.96 11.58
C SER A 163 -0.89 -5.08 12.72
N LEU A 164 -1.99 -5.75 12.47
CA LEU A 164 -3.06 -5.87 13.47
C LEU A 164 -2.64 -6.65 14.68
N ASP A 165 -3.05 -6.16 15.86
CA ASP A 165 -2.78 -6.89 17.10
C ASP A 165 -3.45 -8.29 16.99
N VAL A 166 -2.71 -9.34 17.33
CA VAL A 166 -3.26 -10.65 17.14
C VAL A 166 -4.49 -10.99 17.99
N LYS A 167 -4.75 -10.17 19.01
CA LYS A 167 -5.92 -10.45 19.83
C LYS A 167 -7.22 -10.36 18.99
N PHE A 168 -7.16 -9.75 17.80
CA PHE A 168 -8.34 -9.63 16.95
C PHE A 168 -8.54 -10.78 15.96
N LEU A 169 -7.69 -11.79 16.08
CA LEU A 169 -7.69 -12.91 15.17
C LEU A 169 -7.89 -14.26 15.83
N ASN A 170 -8.31 -15.22 15.05
CA ASN A 170 -8.40 -16.60 15.58
C ASN A 170 -6.99 -17.19 15.68
N ASN A 171 -6.19 -17.09 14.62
CA ASN A 171 -4.87 -17.68 14.65
C ASN A 171 -3.77 -16.77 15.11
N HIS A 172 -3.73 -16.60 16.42
N HIS A 172 -3.73 -16.60 16.42
CA HIS A 172 -2.76 -15.76 17.12
CA HIS A 172 -2.76 -15.76 17.12
C HIS A 172 -1.34 -16.09 16.86
C HIS A 172 -1.34 -16.09 16.86
N SER A 173 -1.02 -17.35 17.08
CA SER A 173 0.35 -17.83 16.98
C SER A 173 1.01 -17.64 15.64
N LEU A 174 0.30 -17.96 14.57
CA LEU A 174 0.86 -17.86 13.24
C LEU A 174 1.17 -16.41 12.88
N VAL A 175 0.25 -15.52 13.20
CA VAL A 175 0.43 -14.13 12.87
C VAL A 175 1.45 -13.48 13.77
N LYS A 176 1.51 -13.85 15.04
CA LYS A 176 2.51 -13.27 15.92
C LYS A 176 3.90 -13.64 15.40
N ASP A 177 4.07 -14.89 15.00
N ASP A 177 4.08 -14.90 15.01
CA ASP A 177 5.35 -15.33 14.47
CA ASP A 177 5.35 -15.34 14.47
C ASP A 177 5.70 -14.56 13.20
C ASP A 177 5.70 -14.57 13.19
N ALA A 178 4.71 -14.27 12.36
CA ALA A 178 4.93 -13.53 11.12
C ALA A 178 5.36 -12.12 11.45
N GLN A 179 4.74 -11.48 12.42
CA GLN A 179 5.10 -10.16 12.84
C GLN A 179 6.55 -10.11 13.29
N GLU A 180 6.92 -11.10 14.11
CA GLU A 180 8.27 -11.09 14.64
C GLU A 180 9.26 -11.35 13.52
N LYS A 181 8.95 -12.25 12.63
CA LYS A 181 9.89 -12.55 11.56
C LYS A 181 10.06 -11.37 10.62
N ALA A 182 9.00 -10.62 10.37
CA ALA A 182 9.11 -9.49 9.48
C ALA A 182 9.91 -8.35 10.10
N ASN A 183 9.67 -8.08 11.38
CA ASN A 183 10.45 -7.02 12.02
C ASN A 183 11.91 -7.41 12.06
N ALA A 184 12.19 -8.67 12.37
CA ALA A 184 13.58 -9.12 12.42
C ALA A 184 14.21 -9.04 11.04
N ALA A 185 13.47 -9.40 10.00
CA ALA A 185 14.04 -9.34 8.66
C ALA A 185 14.38 -7.93 8.25
N LEU A 186 13.49 -6.97 8.51
CA LEU A 186 13.78 -5.63 8.11
C LEU A 186 14.98 -5.06 8.90
N LEU A 187 15.02 -5.36 10.19
CA LEU A 187 16.14 -4.88 11.00
C LEU A 187 17.47 -5.52 10.49
N ASP A 188 17.46 -6.82 10.28
N ASP A 188 17.46 -6.83 10.28
CA ASP A 188 18.70 -7.49 9.86
CA ASP A 188 18.69 -7.50 9.87
C ASP A 188 19.14 -7.00 8.50
C ASP A 188 19.13 -7.01 8.51
N TYR A 189 18.21 -6.90 7.55
CA TYR A 189 18.56 -6.45 6.22
C TYR A 189 19.11 -5.02 6.21
N THR A 190 18.42 -4.10 6.87
CA THR A 190 18.90 -2.72 6.85
C THR A 190 20.28 -2.61 7.53
N LEU A 191 20.50 -3.33 8.61
CA LEU A 191 21.81 -3.26 9.28
C LEU A 191 22.91 -3.83 8.41
N SER A 192 22.66 -4.90 7.68
CA SER A 192 23.71 -5.51 6.87
C SER A 192 23.93 -4.85 5.55
N HIS A 193 22.92 -4.26 4.96
CA HIS A 193 23.05 -3.67 3.69
C HIS A 193 23.30 -2.16 3.69
N TYR A 194 22.90 -1.50 4.77
CA TYR A 194 23.11 -0.05 4.90
C TYR A 194 23.70 0.27 6.26
N PRO A 195 24.90 -0.30 6.54
CA PRO A 195 25.51 -0.06 7.85
C PRO A 195 25.77 1.38 8.25
N HIS A 196 25.99 2.23 7.27
CA HIS A 196 26.24 3.64 7.55
C HIS A 196 24.98 4.46 7.74
N SER A 197 23.81 3.83 7.55
CA SER A 197 22.50 4.48 7.85
C SER A 197 22.15 3.77 9.17
N GLY A 198 22.82 4.12 10.26
CA GLY A 198 22.67 3.39 11.50
C GLY A 198 21.30 3.21 12.11
N ASP A 199 20.40 4.15 11.84
N ASP A 199 20.38 4.12 11.84
CA ASP A 199 19.04 4.01 12.36
CA ASP A 199 19.05 3.96 12.38
C ASP A 199 18.01 3.82 11.23
C ASP A 199 18.02 3.79 11.25
N LYS A 200 18.42 3.18 10.12
CA LYS A 200 17.49 3.00 9.00
C LYS A 200 16.21 2.28 9.40
N PHE A 201 16.31 1.25 10.18
CA PHE A 201 15.12 0.50 10.61
C PHE A 201 14.12 1.43 11.31
N GLN A 202 14.56 2.21 12.32
N GLN A 202 14.55 2.19 12.34
CA GLN A 202 13.67 3.11 12.99
CA GLN A 202 13.66 3.12 13.01
C GLN A 202 13.12 4.14 12.04
C GLN A 202 13.11 4.18 12.04
N GLN A 203 13.91 4.64 11.11
CA GLN A 203 13.45 5.63 10.19
C GLN A 203 12.35 5.06 9.29
N LEU A 204 12.46 3.78 8.91
CA LEU A 204 11.40 3.15 8.13
C LEU A 204 10.17 2.96 8.99
N LEU A 205 10.30 2.61 10.26
CA LEU A 205 9.11 2.48 11.08
C LEU A 205 8.47 3.86 11.25
N LEU A 206 9.24 4.93 11.40
CA LEU A 206 8.63 6.26 11.46
C LEU A 206 7.96 6.61 10.13
N SER A 207 8.49 6.14 9.00
CA SER A 207 7.83 6.36 7.72
C SER A 207 6.49 5.63 7.72
N LEU A 208 6.38 4.50 8.37
CA LEU A 208 5.07 3.82 8.43
C LEU A 208 4.11 4.62 9.27
N VAL A 209 4.58 5.34 10.30
CA VAL A 209 3.68 6.20 11.08
C VAL A 209 3.11 7.24 10.12
N GLU A 210 3.91 7.77 9.22
CA GLU A 210 3.43 8.76 8.28
C GLU A 210 2.48 8.13 7.25
N VAL A 211 2.76 6.91 6.81
CA VAL A 211 1.81 6.22 5.92
C VAL A 211 0.47 6.11 6.63
N ARG A 212 0.45 5.78 7.91
N ARG A 212 0.45 5.75 7.90
CA ARG A 212 -0.81 5.68 8.63
CA ARG A 212 -0.83 5.66 8.61
C ARG A 212 -1.50 7.03 8.70
C ARG A 212 -1.50 7.03 8.71
N ALA A 213 -0.76 8.12 8.90
CA ALA A 213 -1.39 9.43 8.95
C ALA A 213 -1.98 9.79 7.60
N LEU A 214 -1.26 9.54 6.52
CA LEU A 214 -1.78 9.77 5.17
C LEU A 214 -2.99 8.94 4.89
N SER A 215 -2.99 7.69 5.36
N SER A 215 -2.99 7.69 5.36
N SER A 215 -2.99 7.69 5.36
CA SER A 215 -4.12 6.78 5.15
CA SER A 215 -4.12 6.78 5.15
CA SER A 215 -4.12 6.78 5.15
C SER A 215 -5.38 7.32 5.82
C SER A 215 -5.38 7.32 5.82
C SER A 215 -5.38 7.32 5.82
N MET A 216 -5.22 7.81 7.04
N MET A 216 -5.21 7.86 7.04
CA MET A 216 -6.35 8.38 7.76
CA MET A 216 -6.37 8.38 7.75
C MET A 216 -6.89 9.59 7.00
C MET A 216 -6.89 9.59 7.00
N GLN A 217 -6.01 10.45 6.49
CA GLN A 217 -6.48 11.57 5.73
C GLN A 217 -7.16 11.13 4.45
N ALA A 218 -6.68 10.08 3.82
CA ALA A 218 -7.30 9.59 2.61
C ALA A 218 -8.69 9.04 2.92
N LYS A 219 -8.85 8.38 4.06
CA LYS A 219 -10.17 7.90 4.47
C LYS A 219 -11.10 9.07 4.69
N GLU A 220 -10.62 10.16 5.27
N GLU A 220 -10.62 10.16 5.27
CA GLU A 220 -11.49 11.33 5.49
CA GLU A 220 -11.47 11.33 5.48
C GLU A 220 -11.90 11.94 4.15
C GLU A 220 -11.90 11.94 4.16
N TYR A 221 -11.01 11.94 3.17
CA TYR A 221 -11.35 12.45 1.83
C TYR A 221 -12.42 11.54 1.21
N LEU A 222 -12.25 10.21 1.29
CA LEU A 222 -13.25 9.32 0.77
C LEU A 222 -14.60 9.50 1.52
N TYR A 223 -14.58 9.70 2.82
CA TYR A 223 -15.82 9.89 3.54
C TYR A 223 -16.52 11.17 3.08
N HIS A 224 -15.79 12.25 2.86
CA HIS A 224 -16.39 13.49 2.35
C HIS A 224 -17.03 13.20 0.99
N LYS A 225 -16.34 12.50 0.10
CA LYS A 225 -16.95 12.17 -1.20
C LYS A 225 -18.16 11.28 -1.04
N HIS A 226 -18.13 10.31 -0.13
CA HIS A 226 -19.24 9.44 0.11
C HIS A 226 -20.45 10.25 0.60
N LEU A 227 -20.28 11.13 1.57
CA LEU A 227 -21.42 11.92 2.07
C LEU A 227 -21.97 12.83 0.99
N GLY A 228 -21.15 13.26 0.07
CA GLY A 228 -21.61 14.11 -1.02
C GLY A 228 -22.20 13.30 -2.17
N ASN A 229 -22.29 11.98 -2.06
N ASN A 229 -22.31 11.99 -2.03
CA ASN A 229 -22.83 11.17 -3.15
CA ASN A 229 -22.84 11.14 -3.10
C ASN A 229 -22.01 11.28 -4.40
C ASN A 229 -22.02 11.25 -4.37
N GLU A 230 -20.72 11.46 -4.23
CA GLU A 230 -19.82 11.59 -5.38
C GLU A 230 -19.09 10.32 -5.77
N MET A 231 -19.17 9.28 -4.94
CA MET A 231 -18.47 8.04 -5.30
C MET A 231 -19.33 7.14 -6.18
N PRO A 232 -18.71 6.35 -7.05
CA PRO A 232 -19.46 5.42 -7.91
C PRO A 232 -20.15 4.40 -7.03
N ARG A 233 -21.30 3.91 -7.50
CA ARG A 233 -21.98 2.89 -6.74
C ARG A 233 -21.15 1.60 -6.69
N ASN A 234 -21.25 0.92 -5.55
CA ASN A 234 -20.52 -0.33 -5.27
C ASN A 234 -19.02 -0.22 -5.35
N ASN A 235 -18.51 0.95 -5.05
CA ASN A 235 -17.06 1.18 -5.02
C ASN A 235 -16.46 0.31 -3.89
N LEU A 236 -15.39 -0.40 -4.22
CA LEU A 236 -14.75 -1.27 -3.27
C LEU A 236 -14.07 -0.46 -2.12
N LEU A 237 -13.45 0.66 -2.43
CA LEU A 237 -12.85 1.41 -1.32
C LEU A 237 -13.88 1.88 -0.32
N ILE A 238 -15.09 2.23 -0.78
CA ILE A 238 -16.15 2.62 0.16
C ILE A 238 -16.64 1.39 0.96
N GLU A 239 -16.69 0.19 0.34
CA GLU A 239 -17.04 -0.98 1.12
C GLU A 239 -16.00 -1.17 2.25
N MET A 240 -14.71 -1.03 1.90
CA MET A 240 -13.68 -1.14 2.92
C MET A 240 -13.82 -0.03 4.01
N LEU A 241 -14.16 1.17 3.57
CA LEU A 241 -14.30 2.30 4.49
C LEU A 241 -15.40 2.02 5.54
N GLN A 242 -16.48 1.41 5.09
CA GLN A 242 -17.60 1.10 5.99
C GLN A 242 -17.47 -0.18 6.75
N ALA A 243 -16.45 -0.99 6.50
CA ALA A 243 -16.42 -2.29 7.19
C ALA A 243 -15.99 -2.28 8.61
N ARG B 1 -23.54 -12.00 5.09
N ARG B 1 -23.54 -12.00 5.09
CA ARG B 1 -23.77 -10.88 4.12
CA ARG B 1 -23.77 -10.88 4.12
C ARG B 1 -22.67 -10.91 3.06
C ARG B 1 -22.67 -10.91 3.06
N PRO B 2 -23.06 -11.20 1.81
CA PRO B 2 -22.04 -11.25 0.74
C PRO B 2 -21.41 -9.86 0.53
N THR B 3 -20.09 -9.84 0.34
CA THR B 3 -19.40 -8.56 0.11
C THR B 3 -18.41 -8.77 -1.03
N ILE B 4 -17.98 -7.65 -1.62
CA ILE B 4 -16.98 -7.77 -2.66
C ILE B 4 -15.70 -8.41 -2.11
N LEU B 5 -15.26 -7.97 -0.93
CA LEU B 5 -14.04 -8.51 -0.33
C LEU B 5 -14.10 -10.03 -0.14
N TYR B 6 -15.23 -10.53 0.34
CA TYR B 6 -15.34 -11.96 0.54
C TYR B 6 -15.26 -12.68 -0.81
N ALA B 7 -15.85 -12.11 -1.85
CA ALA B 7 -15.81 -12.72 -3.19
C ALA B 7 -14.37 -12.75 -3.71
N LEU B 8 -13.57 -11.73 -3.38
CA LEU B 8 -12.15 -11.73 -3.83
C LEU B 8 -11.31 -12.81 -3.14
N LEU B 9 -11.69 -13.13 -1.90
CA LEU B 9 -10.93 -14.11 -1.09
C LEU B 9 -11.35 -15.54 -1.21
N SER B 10 -12.56 -15.75 -1.66
N SER B 10 -12.55 -15.75 -1.67
CA SER B 10 -12.98 -17.13 -1.83
CA SER B 10 -12.96 -17.10 -1.83
C SER B 10 -12.39 -17.55 -3.16
C SER B 10 -12.42 -17.54 -3.16
#